data_4XV1
#
_entry.id   4XV1
#
_cell.length_a   51.331
_cell.length_b   104.817
_cell.length_c   110.228
_cell.angle_alpha   90.00
_cell.angle_beta   90.00
_cell.angle_gamma   90.00
#
_symmetry.space_group_name_H-M   'P 21 21 21'
#
loop_
_entity.id
_entity.type
_entity.pdbx_description
1 polymer 'Serine/threonine-protein kinase B-raf'
2 non-polymer "N'-(3-{[5-(2-cyclopropylpyrimidin-5-yl)-1H-pyrrolo[2,3-b]pyridin-3-yl]carbonyl}-2,4-difluorophenyl)-N-ethyl-N-methylsulfuric diamide"
3 water water
#
_entity_poly.entity_id   1
_entity_poly.type   'polypeptide(L)'
_entity_poly.pdbx_seq_one_letter_code
;MKKGHHHHHHGSRDAADDWEIPDGQITVGQRIGSGSFGTVYKGKWHGDVAVKMLNVTAPTPQQLQAFKNEVGVLRKTRHV
NILLFMGYSTKPQLAIVTQWCEGSSLYHHLHASETKFEMKKLIDIARQTARGMDYLHAKSIIHRDLKSNNIFLHEDNTVK
IGDFGLATEKSRWSGSHQFEQLSGSILWMAPEVIRMQDSNPYSFQSDVYAFGIVLYELMTGQLPYSNINNRDQIIEMVGR
GSLSPDLSKVRSNCPKRMKRLMAECLKKKRDERPSFPRILAEIEELARELSG
;
_entity_poly.pdbx_strand_id   A,B
#
# COMPACT_ATOMS: atom_id res chain seq x y z
N ASP A 18 9.60 10.67 13.75
CA ASP A 18 10.03 11.34 12.53
C ASP A 18 9.93 10.39 11.33
N TRP A 19 9.74 10.94 10.15
CA TRP A 19 9.71 10.16 8.93
C TRP A 19 10.84 10.58 7.99
N GLU A 20 11.83 11.26 8.55
CA GLU A 20 12.95 11.73 7.76
C GLU A 20 13.93 10.59 7.47
N ILE A 21 14.28 10.44 6.20
CA ILE A 21 15.24 9.43 5.78
C ILE A 21 16.63 10.06 5.71
N PRO A 22 17.57 9.55 6.52
CA PRO A 22 18.94 10.09 6.61
C PRO A 22 19.65 10.12 5.27
N ASP A 23 20.53 11.10 5.10
CA ASP A 23 21.28 11.29 3.86
C ASP A 23 22.08 10.04 3.48
N GLY A 24 21.90 9.59 2.24
CA GLY A 24 22.66 8.47 1.74
C GLY A 24 21.90 7.16 1.64
N GLN A 25 20.92 6.97 2.53
CA GLN A 25 20.14 5.74 2.57
C GLN A 25 19.40 5.43 1.27
N ILE A 26 19.05 6.48 0.53
CA ILE A 26 18.36 6.33 -0.73
C ILE A 26 19.33 6.33 -1.91
N THR A 27 19.25 5.29 -2.73
CA THR A 27 20.03 5.26 -3.97
C THR A 27 19.13 5.70 -5.11
N VAL A 28 19.48 6.82 -5.74
CA VAL A 28 18.63 7.39 -6.78
C VAL A 28 18.99 6.84 -8.16
N GLY A 29 17.96 6.50 -8.94
CA GLY A 29 18.17 5.93 -10.25
C GLY A 29 17.68 6.81 -11.39
N GLN A 30 16.95 6.21 -12.32
CA GLN A 30 16.56 6.89 -13.56
C GLN A 30 15.56 8.03 -13.37
N ARG A 31 15.80 9.13 -14.08
CA ARG A 31 14.86 10.24 -14.11
C ARG A 31 13.59 9.76 -14.80
N ILE A 32 12.45 9.92 -14.14
CA ILE A 32 11.19 9.44 -14.67
C ILE A 32 10.43 10.55 -15.39
N GLY A 33 10.33 11.71 -14.74
CA GLY A 33 9.64 12.84 -15.31
C GLY A 33 9.83 14.08 -14.45
N SER A 34 9.13 15.15 -14.79
CA SER A 34 9.26 16.42 -14.08
C SER A 34 7.91 17.10 -13.88
N GLY A 38 8.76 19.40 -8.88
CA GLY A 38 10.16 19.07 -8.97
C GLY A 38 10.46 18.00 -10.00
N THR A 39 11.43 17.14 -9.71
CA THR A 39 11.80 16.06 -10.62
C THR A 39 11.67 14.69 -9.95
N VAL A 40 11.04 13.75 -10.65
CA VAL A 40 10.77 12.42 -10.09
C VAL A 40 11.79 11.40 -10.53
N TYR A 41 12.28 10.60 -9.58
CA TYR A 41 13.23 9.53 -9.89
C TYR A 41 12.74 8.19 -9.32
N LYS A 42 13.20 7.11 -9.92
CA LYS A 42 13.05 5.79 -9.33
C LYS A 42 14.27 5.59 -8.45
N GLY A 43 14.08 4.93 -7.31
CA GLY A 43 15.17 4.72 -6.38
C GLY A 43 15.07 3.45 -5.57
N LYS A 44 16.12 3.18 -4.80
CA LYS A 44 16.16 2.02 -3.91
C LYS A 44 16.21 2.44 -2.44
N TRP A 45 15.24 1.97 -1.69
CA TRP A 45 15.21 2.17 -0.24
C TRP A 45 14.32 1.11 0.40
N HIS A 46 14.94 0.05 0.90
CA HIS A 46 14.23 -1.14 1.37
C HIS A 46 13.29 -1.60 0.27
N GLY A 47 13.84 -1.72 -0.93
CA GLY A 47 13.05 -2.03 -2.11
C GLY A 47 12.89 -0.79 -2.98
N ASP A 48 11.95 -0.85 -3.92
CA ASP A 48 11.73 0.25 -4.85
C ASP A 48 11.02 1.43 -4.21
N VAL A 49 11.43 2.64 -4.58
CA VAL A 49 10.75 3.86 -4.17
C VAL A 49 10.73 4.87 -5.30
N ALA A 50 9.89 5.89 -5.15
CA ALA A 50 9.90 7.02 -6.06
C ALA A 50 10.34 8.25 -5.28
N VAL A 51 11.29 9.00 -5.82
CA VAL A 51 11.80 10.18 -5.14
C VAL A 51 11.52 11.44 -5.95
N LYS A 52 10.72 12.34 -5.40
CA LYS A 52 10.48 13.62 -6.04
C LYS A 52 11.44 14.66 -5.47
N MET A 53 12.44 15.03 -6.26
CA MET A 53 13.41 16.05 -5.88
C MET A 53 12.82 17.43 -6.09
N LEU A 54 12.78 18.23 -5.02
CA LEU A 54 12.24 19.57 -5.13
C LEU A 54 13.21 20.52 -5.82
N ASN A 55 12.66 21.39 -6.65
CA ASN A 55 13.45 22.42 -7.34
C ASN A 55 14.02 23.41 -6.33
N VAL A 56 14.96 22.94 -5.52
CA VAL A 56 15.52 23.74 -4.43
C VAL A 56 17.03 23.49 -4.33
N ALA A 58 19.41 25.11 -2.99
CA ALA A 58 19.69 25.27 -1.57
C ALA A 58 18.48 25.81 -0.83
N PRO A 59 18.19 25.25 0.36
CA PRO A 59 17.01 25.61 1.15
C PRO A 59 17.30 26.66 2.24
N THR A 60 16.38 27.61 2.39
CA THR A 60 16.45 28.60 3.46
C THR A 60 15.53 28.15 4.60
N PRO A 61 15.82 28.59 5.84
CA PRO A 61 14.93 28.33 6.97
C PRO A 61 13.49 28.77 6.70
N GLN A 62 13.32 29.72 5.78
CA GLN A 62 11.99 30.18 5.38
C GLN A 62 11.26 29.10 4.58
N GLN A 63 11.99 28.39 3.73
CA GLN A 63 11.42 27.35 2.88
C GLN A 63 11.30 26.00 3.59
N LEU A 64 12.16 25.78 4.58
CA LEU A 64 12.21 24.50 5.28
C LEU A 64 10.91 24.18 6.00
N GLN A 65 10.42 25.12 6.79
CA GLN A 65 9.16 24.90 7.52
C GLN A 65 7.93 25.18 6.65
N ALA A 66 8.16 25.49 5.39
CA ALA A 66 7.09 25.52 4.40
C ALA A 66 7.01 24.15 3.75
N PHE A 67 8.15 23.47 3.71
CA PHE A 67 8.25 22.13 3.14
C PHE A 67 7.64 21.11 4.08
N LYS A 68 8.02 21.17 5.35
CA LYS A 68 7.51 20.25 6.36
C LYS A 68 6.00 20.40 6.55
N ASN A 69 5.49 21.60 6.27
CA ASN A 69 4.06 21.84 6.32
C ASN A 69 3.32 20.96 5.33
N GLU A 70 3.90 20.79 4.15
CA GLU A 70 3.30 19.98 3.10
C GLU A 70 3.44 18.50 3.40
N VAL A 71 4.53 18.11 4.07
CA VAL A 71 4.73 16.73 4.48
C VAL A 71 3.72 16.34 5.55
N GLY A 72 3.43 17.28 6.45
CA GLY A 72 2.47 17.07 7.52
C GLY A 72 1.07 16.75 7.03
N VAL A 73 0.79 17.10 5.78
CA VAL A 73 -0.48 16.78 5.15
C VAL A 73 -0.44 15.36 4.59
N LEU A 74 0.66 15.02 3.95
CA LEU A 74 0.85 13.67 3.41
C LEU A 74 1.01 12.70 4.55
N ARG A 75 1.51 13.19 5.68
CA ARG A 75 1.76 12.37 6.85
C ARG A 75 0.47 11.74 7.38
N LYS A 76 -0.67 12.40 7.12
CA LYS A 76 -1.94 11.91 7.62
C LYS A 76 -2.81 11.22 6.56
N THR A 77 -2.16 10.68 5.53
CA THR A 77 -2.84 9.85 4.54
C THR A 77 -2.44 8.37 4.65
N ARG A 78 -3.37 7.54 5.09
CA ARG A 78 -3.15 6.10 5.11
C ARG A 78 -4.31 5.40 4.42
N HIS A 79 -4.24 5.29 3.11
CA HIS A 79 -5.32 4.71 2.33
C HIS A 79 -4.79 4.04 1.06
N VAL A 80 -5.37 2.90 0.71
CA VAL A 80 -4.87 2.07 -0.38
C VAL A 80 -4.98 2.75 -1.74
N ASN A 81 -5.95 3.65 -1.89
CA ASN A 81 -6.13 4.37 -3.15
C ASN A 81 -5.38 5.71 -3.18
N ILE A 82 -4.71 6.03 -2.08
CA ILE A 82 -3.84 7.20 -2.04
C ILE A 82 -2.40 6.75 -2.08
N LEU A 83 -1.63 7.30 -3.01
CA LEU A 83 -0.20 6.97 -3.15
C LEU A 83 0.48 6.99 -1.79
N LEU A 84 1.19 5.93 -1.47
CA LEU A 84 1.78 5.79 -0.15
C LEU A 84 2.99 6.71 0.08
N PHE A 85 2.79 7.74 0.88
CA PHE A 85 3.90 8.53 1.40
C PHE A 85 4.73 7.63 2.31
N MET A 86 6.05 7.65 2.13
CA MET A 86 6.94 6.78 2.90
C MET A 86 7.97 7.53 3.73
N GLY A 87 8.24 8.78 3.36
CA GLY A 87 9.18 9.60 4.10
C GLY A 87 9.73 10.76 3.29
N TYR A 88 10.59 11.56 3.92
CA TYR A 88 11.15 12.71 3.25
C TYR A 88 12.65 12.86 3.50
N SER A 89 13.32 13.62 2.63
CA SER A 89 14.72 13.95 2.81
C SER A 89 14.89 15.47 2.87
N THR A 90 15.98 15.90 3.50
CA THR A 90 16.30 17.32 3.56
C THR A 90 17.74 17.51 3.10
N LYS A 91 18.48 16.39 3.07
CA LYS A 91 19.84 16.36 2.57
C LYS A 91 19.98 15.17 1.64
N PRO A 92 20.64 15.35 0.48
CA PRO A 92 21.29 16.58 -0.01
C PRO A 92 20.31 17.70 -0.38
N GLN A 93 19.14 17.33 -0.91
CA GLN A 93 18.09 18.32 -1.16
C GLN A 93 16.74 17.83 -0.68
N LEU A 94 15.75 18.72 -0.63
CA LEU A 94 14.41 18.38 -0.20
C LEU A 94 13.80 17.37 -1.15
N ALA A 95 13.26 16.28 -0.60
CA ALA A 95 12.68 15.23 -1.42
C ALA A 95 11.51 14.57 -0.72
N ILE A 96 10.48 14.24 -1.48
CA ILE A 96 9.38 13.43 -0.99
C ILE A 96 9.62 12.00 -1.46
N VAL A 97 9.58 11.05 -0.54
CA VAL A 97 9.74 9.65 -0.89
C VAL A 97 8.42 8.88 -0.75
N THR A 98 8.01 8.21 -1.82
CA THR A 98 6.79 7.43 -1.82
C THR A 98 7.04 6.05 -2.40
N GLN A 99 6.03 5.20 -2.32
CA GLN A 99 6.06 3.89 -2.98
C GLN A 99 6.27 4.06 -4.49
N TRP A 100 6.77 3.00 -5.11
CA TRP A 100 6.92 2.96 -6.55
C TRP A 100 5.76 2.23 -7.20
N CYS A 101 5.18 2.84 -8.23
CA CYS A 101 4.04 2.24 -8.92
C CYS A 101 4.46 1.58 -10.24
N GLU A 102 4.05 0.33 -10.41
CA GLU A 102 4.26 -0.36 -11.68
C GLU A 102 3.17 0.04 -12.65
N GLY A 103 3.54 0.17 -13.92
CA GLY A 103 2.57 0.59 -14.92
C GLY A 103 2.49 2.10 -15.06
N SER A 104 1.53 2.57 -15.85
CA SER A 104 1.42 3.99 -16.15
C SER A 104 0.15 4.63 -15.58
N SER A 105 0.03 5.94 -15.78
CA SER A 105 -1.09 6.71 -15.26
C SER A 105 -2.40 6.37 -15.98
N LEU A 106 -3.51 6.87 -15.43
CA LEU A 106 -4.81 6.68 -16.06
C LEU A 106 -4.85 7.44 -17.37
N TYR A 107 -4.11 8.54 -17.44
CA TYR A 107 -4.01 9.35 -18.65
C TYR A 107 -3.42 8.52 -19.79
N HIS A 108 -2.31 7.84 -19.50
CA HIS A 108 -1.60 7.08 -20.53
C HIS A 108 -2.45 5.95 -21.08
N HIS A 109 -3.18 5.27 -20.21
CA HIS A 109 -4.04 4.16 -20.62
C HIS A 109 -5.18 4.67 -21.50
N LEU A 110 -5.78 5.77 -21.09
CA LEU A 110 -6.96 6.31 -21.77
C LEU A 110 -6.64 7.01 -23.09
N HIS A 111 -5.56 7.77 -23.10
CA HIS A 111 -5.27 8.62 -24.24
C HIS A 111 -4.01 8.24 -25.02
N ALA A 112 -3.46 7.06 -24.78
CA ALA A 112 -2.28 6.62 -25.51
C ALA A 112 -2.30 5.14 -25.85
N SER A 113 -3.20 4.39 -25.22
CA SER A 113 -3.39 2.97 -25.51
C SER A 113 -4.80 2.50 -25.17
N LYS A 116 -7.98 -0.49 -24.06
CA LYS A 116 -9.33 -1.05 -24.11
C LYS A 116 -9.75 -1.68 -22.80
N PHE A 117 -10.22 -0.85 -21.86
CA PHE A 117 -10.76 -1.35 -20.60
C PHE A 117 -12.21 -1.76 -20.78
N GLU A 118 -12.55 -2.93 -20.24
CA GLU A 118 -13.93 -3.36 -20.22
C GLU A 118 -14.68 -2.43 -19.27
N MET A 119 -15.98 -2.23 -19.52
CA MET A 119 -16.76 -1.29 -18.73
C MET A 119 -16.69 -1.59 -17.23
N LYS A 120 -16.57 -2.87 -16.89
CA LYS A 120 -16.46 -3.29 -15.50
C LYS A 120 -15.24 -2.66 -14.82
N LYS A 121 -14.11 -2.64 -15.53
CA LYS A 121 -12.88 -2.08 -14.97
C LYS A 121 -12.93 -0.55 -14.87
N LEU A 122 -13.50 0.08 -15.89
CA LEU A 122 -13.65 1.54 -15.92
C LEU A 122 -14.40 2.03 -14.68
N ILE A 123 -15.50 1.35 -14.37
CA ILE A 123 -16.29 1.68 -13.18
C ILE A 123 -15.45 1.45 -11.92
N ASP A 124 -14.70 0.35 -11.92
CA ASP A 124 -13.85 0.02 -10.79
C ASP A 124 -12.78 1.09 -10.60
N ILE A 125 -12.21 1.54 -11.71
CA ILE A 125 -11.25 2.64 -11.69
C ILE A 125 -11.91 3.90 -11.14
N ALA A 126 -13.14 4.15 -11.57
CA ALA A 126 -13.93 5.25 -11.05
C ALA A 126 -14.27 5.02 -9.58
N ARG A 127 -14.58 3.77 -9.25
CA ARG A 127 -14.93 3.39 -7.88
C ARG A 127 -13.79 3.70 -6.90
N GLN A 128 -12.58 3.32 -7.27
CA GLN A 128 -11.42 3.49 -6.39
C GLN A 128 -11.06 4.95 -6.20
N THR A 129 -11.14 5.73 -7.27
CA THR A 129 -10.83 7.16 -7.20
C THR A 129 -11.78 7.88 -6.24
N ALA A 130 -13.05 7.49 -6.25
CA ALA A 130 -14.02 8.03 -5.32
C ALA A 130 -13.66 7.70 -3.88
N ARG A 131 -13.19 6.47 -3.66
CA ARG A 131 -12.77 6.04 -2.34
C ARG A 131 -11.61 6.90 -1.84
N GLY A 132 -10.63 7.10 -2.69
CA GLY A 132 -9.49 7.93 -2.36
C GLY A 132 -9.90 9.35 -2.06
N MET A 133 -10.72 9.92 -2.93
CA MET A 133 -11.16 11.31 -2.78
C MET A 133 -12.02 11.50 -1.53
N ASP A 134 -12.95 10.58 -1.31
CA ASP A 134 -13.82 10.64 -0.14
C ASP A 134 -12.98 10.63 1.13
N TYR A 135 -11.94 9.80 1.13
CA TYR A 135 -11.02 9.70 2.26
C TYR A 135 -10.31 11.03 2.50
N LEU A 136 -9.79 11.63 1.43
CA LEU A 136 -9.08 12.89 1.51
C LEU A 136 -9.98 14.00 2.08
N HIS A 137 -11.22 14.06 1.60
CA HIS A 137 -12.16 15.05 2.08
C HIS A 137 -12.56 14.82 3.54
N ALA A 138 -12.69 13.54 3.91
CA ALA A 138 -12.95 13.19 5.31
C ALA A 138 -11.78 13.63 6.18
N LYS A 139 -10.58 13.54 5.61
CA LYS A 139 -9.38 14.05 6.26
C LYS A 139 -9.24 15.56 6.04
N SER A 140 -10.29 16.17 5.48
CA SER A 140 -10.33 17.60 5.21
C SER A 140 -9.23 18.07 4.27
N ILE A 141 -8.86 17.22 3.31
CA ILE A 141 -7.81 17.54 2.36
C ILE A 141 -8.36 17.79 0.97
N ILE A 142 -8.11 18.99 0.44
CA ILE A 142 -8.46 19.33 -0.92
C ILE A 142 -7.29 19.03 -1.85
N HIS A 143 -7.52 18.18 -2.84
CA HIS A 143 -6.45 17.79 -3.76
C HIS A 143 -5.95 18.97 -4.59
N ARG A 144 -6.91 19.71 -5.16
CA ARG A 144 -6.65 20.90 -5.99
C ARG A 144 -6.10 20.62 -7.39
N ASP A 145 -5.81 19.37 -7.70
CA ASP A 145 -5.26 19.04 -9.01
C ASP A 145 -5.53 17.60 -9.41
N LEU A 146 -6.75 17.13 -9.15
CA LEU A 146 -7.15 15.80 -9.59
C LEU A 146 -7.26 15.77 -11.11
N LYS A 147 -6.65 14.76 -11.71
CA LYS A 147 -6.71 14.56 -13.15
C LYS A 147 -6.13 13.20 -13.49
N SER A 148 -6.37 12.73 -14.71
CA SER A 148 -5.99 11.37 -15.12
C SER A 148 -4.50 11.05 -14.98
N ASN A 149 -3.64 12.05 -15.09
CA ASN A 149 -2.20 11.81 -14.92
C ASN A 149 -1.71 11.91 -13.47
N ASN A 150 -2.61 12.25 -12.56
CA ASN A 150 -2.30 12.20 -11.13
C ASN A 150 -3.00 11.00 -10.50
N ILE A 151 -3.48 10.12 -11.36
CA ILE A 151 -4.10 8.87 -10.96
C ILE A 151 -3.32 7.74 -11.59
N PHE A 152 -2.45 7.10 -10.81
CA PHE A 152 -1.60 6.03 -11.32
C PHE A 152 -2.27 4.68 -11.15
N LEU A 153 -2.15 3.83 -12.18
CA LEU A 153 -2.66 2.47 -12.08
C LEU A 153 -1.57 1.49 -11.69
N HIS A 154 -1.42 1.26 -10.40
CA HIS A 154 -0.45 0.30 -9.87
C HIS A 154 -0.87 -1.11 -10.25
N GLU A 155 0.04 -1.85 -10.87
CA GLU A 155 -0.23 -3.21 -11.36
C GLU A 155 -1.43 -3.25 -12.30
N ASP A 156 -1.78 -2.09 -12.86
CA ASP A 156 -2.93 -1.95 -13.75
C ASP A 156 -4.25 -2.39 -13.12
N ASN A 157 -4.31 -2.35 -11.79
CA ASN A 157 -5.52 -2.71 -11.06
C ASN A 157 -5.87 -1.68 -9.99
N THR A 158 -4.87 -1.33 -9.19
CA THR A 158 -5.08 -0.46 -8.03
C THR A 158 -4.83 1.00 -8.37
N VAL A 159 -5.81 1.85 -8.07
CA VAL A 159 -5.70 3.29 -8.30
C VAL A 159 -4.89 3.96 -7.19
N LYS A 160 -3.91 4.77 -7.57
CA LYS A 160 -3.15 5.55 -6.62
C LYS A 160 -3.19 7.03 -6.99
N ILE A 161 -3.75 7.83 -6.10
CA ILE A 161 -3.88 9.27 -6.35
C ILE A 161 -2.72 10.03 -5.71
N GLY A 162 -1.95 10.75 -6.52
CA GLY A 162 -0.83 11.52 -6.03
C GLY A 162 -0.90 12.98 -6.43
N ASP A 163 0.20 13.70 -6.18
CA ASP A 163 0.38 15.09 -6.61
C ASP A 163 -0.51 16.13 -5.93
N PHE A 164 -0.99 15.84 -4.73
CA PHE A 164 -1.87 16.79 -4.02
C PHE A 164 -1.13 17.63 -2.98
N GLY A 165 0.11 17.26 -2.68
CA GLY A 165 0.90 17.96 -1.68
C GLY A 165 1.23 19.38 -2.08
N SER A 183 0.90 26.96 -18.86
CA SER A 183 1.20 26.97 -17.43
C SER A 183 0.58 25.78 -16.71
N GLY A 184 -0.71 25.58 -16.90
CA GLY A 184 -1.42 24.52 -16.20
C GLY A 184 -2.39 23.70 -17.03
N SER A 185 -2.88 22.63 -16.44
CA SER A 185 -3.88 21.77 -17.08
C SER A 185 -5.29 22.26 -16.72
N ILE A 186 -5.96 22.86 -17.69
CA ILE A 186 -7.22 23.56 -17.44
C ILE A 186 -8.45 22.71 -17.68
N LEU A 187 -8.28 21.55 -18.32
CA LEU A 187 -9.41 20.69 -18.66
C LEU A 187 -10.21 20.23 -17.45
N TRP A 188 -9.53 20.11 -16.30
CA TRP A 188 -10.17 19.59 -15.09
C TRP A 188 -10.59 20.69 -14.12
N MET A 189 -10.42 21.94 -14.55
CA MET A 189 -10.70 23.10 -13.69
C MET A 189 -12.16 23.53 -13.69
N ALA A 190 -12.74 23.57 -12.51
CA ALA A 190 -14.11 24.06 -12.31
C ALA A 190 -14.20 25.53 -12.70
N PRO A 191 -15.35 25.95 -13.23
CA PRO A 191 -15.56 27.33 -13.67
C PRO A 191 -15.20 28.39 -12.62
N GLU A 192 -15.45 28.10 -11.33
CA GLU A 192 -15.12 29.05 -10.27
C GLU A 192 -13.61 29.21 -10.12
N VAL A 193 -12.88 28.15 -10.43
CA VAL A 193 -11.43 28.16 -10.30
C VAL A 193 -10.80 29.01 -11.39
N ILE A 194 -11.35 28.92 -12.59
CA ILE A 194 -10.83 29.68 -13.72
C ILE A 194 -10.90 31.19 -13.49
N ARG A 195 -12.10 31.71 -13.24
CA ARG A 195 -12.26 33.12 -12.91
C ARG A 195 -11.85 33.43 -11.47
N ASN A 200 -12.84 31.29 -1.52
CA ASN A 200 -12.60 29.85 -1.63
C ASN A 200 -12.79 29.31 -3.04
N PRO A 201 -11.90 29.68 -3.98
CA PRO A 201 -11.99 29.12 -5.33
C PRO A 201 -11.71 27.62 -5.30
N TYR A 202 -10.70 27.22 -4.53
CA TYR A 202 -10.40 25.82 -4.36
C TYR A 202 -11.15 25.23 -3.17
N SER A 203 -12.05 24.30 -3.47
CA SER A 203 -12.90 23.70 -2.45
C SER A 203 -13.11 22.23 -2.73
N PHE A 204 -13.95 21.60 -1.93
CA PHE A 204 -14.29 20.20 -2.11
C PHE A 204 -15.09 20.02 -3.40
N GLN A 205 -15.89 21.02 -3.75
CA GLN A 205 -16.72 20.97 -4.93
C GLN A 205 -15.91 21.04 -6.22
N SER A 206 -14.86 21.85 -6.21
CA SER A 206 -13.97 21.94 -7.37
C SER A 206 -13.23 20.62 -7.59
N ASP A 207 -12.92 19.92 -6.50
CA ASP A 207 -12.41 18.55 -6.58
C ASP A 207 -13.43 17.63 -7.24
N VAL A 208 -14.69 17.80 -6.88
CA VAL A 208 -15.78 17.02 -7.46
C VAL A 208 -15.90 17.26 -8.97
N TYR A 209 -15.75 18.52 -9.39
CA TYR A 209 -15.76 18.84 -10.82
C TYR A 209 -14.62 18.14 -11.55
N ALA A 210 -13.43 18.17 -10.95
CA ALA A 210 -12.27 17.50 -11.52
C ALA A 210 -12.54 16.01 -11.69
N PHE A 211 -13.14 15.40 -10.66
CA PHE A 211 -13.54 14.00 -10.72
C PHE A 211 -14.54 13.76 -11.85
N GLY A 212 -15.42 14.74 -12.07
CA GLY A 212 -16.39 14.66 -13.13
C GLY A 212 -15.73 14.55 -14.49
N ILE A 213 -14.73 15.40 -14.73
CA ILE A 213 -13.95 15.36 -15.97
C ILE A 213 -13.25 14.01 -16.09
N VAL A 214 -12.79 13.47 -14.96
CA VAL A 214 -12.17 12.15 -14.94
C VAL A 214 -13.18 11.07 -15.31
N LEU A 215 -14.40 11.19 -14.78
CA LEU A 215 -15.49 10.30 -15.16
C LEU A 215 -15.75 10.37 -16.65
N TYR A 216 -15.68 11.58 -17.19
CA TYR A 216 -15.88 11.82 -18.62
C TYR A 216 -14.77 11.15 -19.43
N GLU A 217 -13.54 11.23 -18.94
CA GLU A 217 -12.41 10.60 -19.61
C GLU A 217 -12.61 9.10 -19.69
N LEU A 218 -13.01 8.50 -18.58
CA LEU A 218 -13.23 7.05 -18.51
C LEU A 218 -14.34 6.59 -19.44
N MET A 219 -15.40 7.38 -19.53
CA MET A 219 -16.60 6.98 -20.27
C MET A 219 -16.57 7.35 -21.75
N THR A 220 -15.76 8.34 -22.11
CA THR A 220 -15.64 8.74 -23.50
C THR A 220 -14.34 8.24 -24.11
N GLY A 221 -13.34 8.01 -23.26
CA GLY A 221 -12.04 7.55 -23.73
C GLY A 221 -11.23 8.65 -24.37
N GLN A 222 -11.56 9.89 -24.04
CA GLN A 222 -10.90 11.05 -24.62
C GLN A 222 -11.07 12.30 -23.77
N LEU A 223 -10.25 13.30 -24.05
CA LEU A 223 -10.30 14.56 -23.31
C LEU A 223 -11.45 15.44 -23.79
N PRO A 224 -12.02 16.24 -22.88
CA PRO A 224 -13.09 17.18 -23.23
C PRO A 224 -12.61 18.23 -24.23
N TYR A 225 -13.55 18.80 -24.97
CA TYR A 225 -13.27 19.89 -25.89
C TYR A 225 -12.20 19.55 -26.92
N SER A 226 -12.12 18.27 -27.29
CA SER A 226 -11.19 17.82 -28.32
C SER A 226 -11.55 18.50 -29.64
N ASN A 227 -12.84 18.83 -29.77
CA ASN A 227 -13.36 19.55 -30.92
C ASN A 227 -12.75 20.96 -31.00
N ILE A 228 -12.42 21.53 -29.85
CA ILE A 228 -11.86 22.88 -29.77
C ILE A 228 -10.41 22.85 -29.26
N ASN A 229 -9.45 23.06 -30.15
CA ASN A 229 -8.05 23.07 -29.73
C ASN A 229 -7.53 24.48 -29.49
N ASN A 230 -7.97 25.07 -28.39
CA ASN A 230 -7.61 26.43 -28.02
C ASN A 230 -7.79 26.67 -26.53
N ARG A 231 -6.69 26.69 -25.79
CA ARG A 231 -6.70 26.93 -24.35
C ARG A 231 -7.48 28.18 -23.99
N ASP A 232 -7.14 29.29 -24.63
CA ASP A 232 -7.78 30.57 -24.36
C ASP A 232 -9.28 30.55 -24.57
N GLN A 233 -9.73 29.84 -25.61
CA GLN A 233 -11.16 29.71 -25.87
C GLN A 233 -11.82 28.90 -24.75
N ILE A 234 -11.23 27.74 -24.45
CA ILE A 234 -11.73 26.88 -23.38
C ILE A 234 -11.77 27.61 -22.05
N ILE A 235 -10.67 28.28 -21.70
CA ILE A 235 -10.59 29.09 -20.50
C ILE A 235 -11.71 30.12 -20.44
N GLU A 236 -11.93 30.81 -21.55
CA GLU A 236 -12.97 31.83 -21.62
C GLU A 236 -14.37 31.22 -21.61
N MET A 237 -14.57 30.18 -22.41
CA MET A 237 -15.89 29.60 -22.58
C MET A 237 -16.38 28.80 -21.36
N VAL A 238 -15.50 28.00 -20.78
CA VAL A 238 -15.84 27.25 -19.57
C VAL A 238 -15.99 28.21 -18.40
N GLY A 239 -15.16 29.25 -18.38
CA GLY A 239 -15.21 30.24 -17.32
C GLY A 239 -16.51 31.01 -17.28
N ARG A 240 -17.09 31.27 -18.45
CA ARG A 240 -18.32 32.04 -18.54
C ARG A 240 -19.56 31.15 -18.56
N GLY A 241 -19.34 29.84 -18.54
CA GLY A 241 -20.42 28.88 -18.47
C GLY A 241 -21.02 28.51 -19.82
N SER A 242 -20.45 29.03 -20.89
CA SER A 242 -20.99 28.80 -22.23
C SER A 242 -20.61 27.44 -22.79
N LEU A 243 -19.60 26.81 -22.19
CA LEU A 243 -19.13 25.52 -22.67
C LEU A 243 -19.03 24.48 -21.55
N SER A 244 -19.49 23.27 -21.83
CA SER A 244 -19.38 22.14 -20.92
C SER A 244 -19.03 20.92 -21.75
N PRO A 245 -18.51 19.85 -21.11
CA PRO A 245 -18.14 18.66 -21.87
C PRO A 245 -19.31 18.06 -22.66
N ASP A 246 -19.01 17.50 -23.82
CA ASP A 246 -20.03 16.94 -24.69
C ASP A 246 -20.32 15.49 -24.32
N LEU A 247 -21.46 15.26 -23.67
CA LEU A 247 -21.83 13.94 -23.19
C LEU A 247 -22.37 13.04 -24.31
N SER A 248 -22.36 13.55 -25.54
CA SER A 248 -22.79 12.77 -26.69
C SER A 248 -21.75 11.73 -27.09
N LYS A 249 -20.59 11.77 -26.43
CA LYS A 249 -19.47 10.92 -26.80
C LYS A 249 -19.22 9.80 -25.78
N VAL A 250 -20.07 9.71 -24.77
CA VAL A 250 -19.95 8.64 -23.78
C VAL A 250 -20.30 7.30 -24.41
N ASN A 253 -22.86 1.95 -23.97
CA ASN A 253 -22.77 0.97 -22.88
C ASN A 253 -22.31 1.59 -21.56
N CYS A 254 -22.81 2.77 -21.25
CA CYS A 254 -22.53 3.44 -19.99
C CYS A 254 -23.75 3.43 -19.08
N PRO A 255 -23.57 2.99 -17.82
CA PRO A 255 -24.65 2.99 -16.82
C PRO A 255 -25.26 4.37 -16.70
N LYS A 256 -26.58 4.44 -16.86
CA LYS A 256 -27.27 5.73 -16.91
C LYS A 256 -27.22 6.47 -15.57
N ARG A 257 -27.03 5.74 -14.49
CA ARG A 257 -26.83 6.36 -13.18
C ARG A 257 -25.46 7.02 -13.11
N MET A 258 -24.50 6.48 -13.86
CA MET A 258 -23.17 7.05 -13.92
C MET A 258 -23.18 8.39 -14.67
N LYS A 259 -23.89 8.43 -15.78
CA LYS A 259 -23.99 9.65 -16.58
C LYS A 259 -24.69 10.75 -15.81
N ARG A 260 -25.74 10.39 -15.08
CA ARG A 260 -26.43 11.34 -14.22
C ARG A 260 -25.44 11.86 -13.20
N LEU A 261 -24.73 10.93 -12.57
CA LEU A 261 -23.70 11.28 -11.60
C LEU A 261 -22.59 12.13 -12.23
N MET A 262 -22.17 11.75 -13.43
CA MET A 262 -21.15 12.50 -14.15
C MET A 262 -21.63 13.93 -14.42
N ALA A 263 -22.89 14.04 -14.84
CA ALA A 263 -23.50 15.35 -15.07
C ALA A 263 -23.65 16.09 -13.75
N GLU A 264 -23.93 15.34 -12.68
CA GLU A 264 -24.06 15.92 -11.35
C GLU A 264 -22.73 16.53 -10.88
N CYS A 265 -21.63 15.86 -11.22
CA CYS A 265 -20.31 16.34 -10.84
C CYS A 265 -19.88 17.53 -11.69
N LEU A 266 -20.37 17.56 -12.93
CA LEU A 266 -19.95 18.57 -13.91
C LEU A 266 -20.78 19.85 -13.86
N LYS A 267 -21.59 20.00 -12.81
CA LYS A 267 -22.42 21.19 -12.67
C LYS A 267 -21.58 22.46 -12.67
N LYS A 268 -21.98 23.42 -13.49
CA LYS A 268 -21.31 24.72 -13.54
C LYS A 268 -21.52 25.41 -12.21
N LYS A 269 -22.72 25.23 -11.65
CA LYS A 269 -23.04 25.75 -10.33
C LYS A 269 -22.35 24.90 -9.25
N ARG A 270 -21.47 25.54 -8.48
CA ARG A 270 -20.67 24.87 -7.46
C ARG A 270 -21.50 24.09 -6.43
N ASP A 271 -22.61 24.68 -6.00
CA ASP A 271 -23.43 24.06 -4.94
C ASP A 271 -24.31 22.92 -5.42
N GLU A 272 -24.56 22.86 -6.73
CA GLU A 272 -25.38 21.80 -7.30
C GLU A 272 -24.63 20.47 -7.36
N ARG A 273 -23.35 20.49 -7.00
CA ARG A 273 -22.51 19.31 -7.06
C ARG A 273 -22.66 18.47 -5.80
N PRO A 274 -22.67 17.13 -5.96
CA PRO A 274 -22.79 16.20 -4.84
C PRO A 274 -21.49 16.14 -4.04
N SER A 275 -21.57 15.61 -2.84
CA SER A 275 -20.38 15.37 -2.04
C SER A 275 -19.87 13.97 -2.35
N PHE A 276 -18.58 13.75 -2.15
CA PHE A 276 -17.99 12.44 -2.40
C PHE A 276 -18.61 11.24 -1.65
N PRO A 277 -19.04 11.43 -0.38
CA PRO A 277 -19.77 10.33 0.27
C PRO A 277 -20.99 9.89 -0.54
N ARG A 278 -21.74 10.85 -1.05
CA ARG A 278 -22.86 10.56 -1.93
C ARG A 278 -22.39 10.02 -3.28
N ILE A 279 -21.27 10.56 -3.77
CA ILE A 279 -20.68 10.08 -5.01
C ILE A 279 -20.25 8.62 -4.88
N LEU A 280 -19.55 8.31 -3.80
CA LEU A 280 -19.10 6.96 -3.51
C LEU A 280 -20.28 5.99 -3.36
N ALA A 281 -21.27 6.40 -2.58
CA ALA A 281 -22.45 5.58 -2.32
C ALA A 281 -23.17 5.18 -3.61
N GLU A 282 -23.34 6.12 -4.52
CA GLU A 282 -24.03 5.86 -5.78
C GLU A 282 -23.20 5.00 -6.74
N ILE A 283 -21.89 5.22 -6.79
CA ILE A 283 -21.02 4.39 -7.62
C ILE A 283 -20.98 2.98 -7.08
N GLU A 284 -20.78 2.84 -5.77
CA GLU A 284 -20.75 1.55 -5.11
C GLU A 284 -22.01 0.77 -5.42
N GLU A 285 -23.16 1.41 -5.23
CA GLU A 285 -24.45 0.82 -5.54
C GLU A 285 -24.75 0.91 -7.03
N ASP B 18 -3.91 12.54 14.86
CA ASP B 18 -4.57 11.39 15.44
C ASP B 18 -5.03 10.39 14.39
N TRP B 19 -4.82 9.11 14.67
CA TRP B 19 -5.30 8.05 13.81
C TRP B 19 -6.53 7.40 14.42
N GLU B 20 -7.03 8.01 15.48
CA GLU B 20 -8.25 7.54 16.12
C GLU B 20 -9.43 7.79 15.18
N ILE B 21 -10.04 6.70 14.72
CA ILE B 21 -11.25 6.80 13.91
C ILE B 21 -12.45 6.86 14.84
N PRO B 22 -13.19 7.98 14.80
CA PRO B 22 -14.42 8.13 15.59
C PRO B 22 -15.37 6.99 15.31
N ASP B 23 -15.78 6.29 16.36
CA ASP B 23 -16.62 5.13 16.22
C ASP B 23 -17.97 5.51 15.62
N GLY B 24 -18.62 4.54 14.98
CA GLY B 24 -19.88 4.80 14.29
C GLY B 24 -19.64 5.19 12.85
N GLN B 25 -18.37 5.37 12.50
CA GLN B 25 -18.01 5.66 11.12
C GLN B 25 -17.70 4.39 10.35
N ILE B 26 -17.55 3.29 11.08
CA ILE B 26 -17.21 2.01 10.45
C ILE B 26 -18.40 1.07 10.38
N THR B 27 -18.79 0.70 9.16
CA THR B 27 -19.82 -0.31 8.95
C THR B 27 -19.17 -1.68 8.96
N VAL B 28 -19.38 -2.43 10.05
CA VAL B 28 -18.77 -3.74 10.19
C VAL B 28 -19.58 -4.82 9.48
N GLY B 29 -18.89 -5.76 8.85
CA GLY B 29 -19.54 -6.81 8.08
C GLY B 29 -19.23 -8.21 8.58
N GLN B 30 -19.06 -9.14 7.65
CA GLN B 30 -18.88 -10.55 7.98
C GLN B 30 -17.62 -10.84 8.78
N ARG B 31 -17.64 -11.96 9.50
CA ARG B 31 -16.50 -12.39 10.30
C ARG B 31 -15.50 -13.14 9.42
N ILE B 32 -14.23 -13.11 9.83
CA ILE B 32 -13.18 -13.79 9.09
C ILE B 32 -12.45 -14.78 9.99
N GLY B 33 -12.32 -14.44 11.26
CA GLY B 33 -11.64 -15.28 12.22
C GLY B 33 -11.25 -14.54 13.49
N THR B 39 -11.45 -10.38 17.42
CA THR B 39 -11.79 -11.05 16.16
C THR B 39 -11.79 -10.06 15.00
N VAL B 40 -11.70 -10.58 13.78
CA VAL B 40 -11.57 -9.73 12.60
C VAL B 40 -12.81 -9.71 11.71
N TYR B 41 -13.21 -8.50 11.32
CA TYR B 41 -14.36 -8.31 10.45
C TYR B 41 -13.96 -7.56 9.18
N LYS B 42 -14.57 -7.92 8.07
CA LYS B 42 -14.46 -7.11 6.86
C LYS B 42 -15.42 -5.94 7.03
N GLY B 43 -14.95 -4.72 6.77
CA GLY B 43 -15.76 -3.55 7.04
C GLY B 43 -15.82 -2.55 5.89
N LYS B 44 -16.52 -1.46 6.13
CA LYS B 44 -16.66 -0.40 5.15
C LYS B 44 -16.30 0.95 5.77
N TRP B 45 -15.23 1.54 5.28
CA TRP B 45 -14.81 2.87 5.72
C TRP B 45 -14.01 3.52 4.61
N HIS B 46 -14.68 4.37 3.83
CA HIS B 46 -14.09 4.98 2.64
C HIS B 46 -13.53 3.90 1.73
N GLY B 47 -14.33 2.86 1.55
CA GLY B 47 -13.93 1.68 0.79
C GLY B 47 -13.82 0.47 1.71
N ASP B 48 -13.26 -0.62 1.18
CA ASP B 48 -13.11 -1.84 1.95
C ASP B 48 -11.99 -1.73 2.97
N VAL B 49 -12.27 -2.16 4.20
CA VAL B 49 -11.27 -2.22 5.25
C VAL B 49 -11.38 -3.52 6.03
N ALA B 50 -10.37 -3.82 6.83
CA ALA B 50 -10.42 -4.93 7.76
C ALA B 50 -10.37 -4.38 9.18
N VAL B 51 -11.15 -4.97 10.08
CA VAL B 51 -11.21 -4.49 11.46
C VAL B 51 -10.96 -5.61 12.45
N LYS B 52 -10.02 -5.40 13.38
CA LYS B 52 -9.79 -6.37 14.44
C LYS B 52 -10.40 -5.86 15.74
N MET B 53 -11.54 -6.46 16.13
CA MET B 53 -12.26 -6.01 17.31
C MET B 53 -12.08 -6.95 18.49
N LEU B 54 -11.58 -6.40 19.60
CA LEU B 54 -11.48 -7.15 20.85
C LEU B 54 -12.84 -7.11 21.55
N ASN B 55 -13.62 -8.18 21.38
CA ASN B 55 -14.96 -8.25 21.94
C ASN B 55 -14.98 -8.57 23.44
N VAL B 56 -14.66 -7.58 24.25
CA VAL B 56 -14.74 -7.72 25.71
C VAL B 56 -15.64 -6.61 26.26
N THR B 57 -16.18 -6.84 27.46
CA THR B 57 -17.02 -5.84 28.10
C THR B 57 -16.20 -4.62 28.50
N ALA B 58 -15.06 -4.87 29.16
CA ALA B 58 -14.14 -3.82 29.55
C ALA B 58 -12.71 -4.38 29.57
N PRO B 59 -11.86 -3.88 28.67
CA PRO B 59 -10.49 -4.38 28.47
C PRO B 59 -9.66 -4.44 29.76
N THR B 60 -8.93 -5.54 29.91
CA THR B 60 -7.98 -5.71 31.00
C THR B 60 -6.88 -4.66 30.82
N PRO B 61 -6.26 -4.23 31.93
CA PRO B 61 -5.03 -3.42 31.86
C PRO B 61 -4.02 -4.02 30.88
N GLN B 62 -3.93 -5.35 30.84
CA GLN B 62 -3.08 -6.04 29.88
C GLN B 62 -3.62 -5.91 28.46
N GLN B 63 -4.94 -5.93 28.33
CA GLN B 63 -5.57 -5.78 27.02
C GLN B 63 -5.34 -4.39 26.47
N LEU B 64 -5.18 -3.41 27.37
CA LEU B 64 -4.97 -2.03 26.96
C LEU B 64 -3.55 -1.80 26.43
N GLN B 65 -2.56 -2.31 27.15
CA GLN B 65 -1.17 -2.14 26.76
C GLN B 65 -0.82 -2.90 25.49
N ALA B 66 -1.45 -4.06 25.30
CA ALA B 66 -1.26 -4.83 24.08
C ALA B 66 -1.76 -4.03 22.89
N PHE B 67 -2.85 -3.31 23.11
CA PHE B 67 -3.47 -2.46 22.09
C PHE B 67 -2.57 -1.28 21.76
N LYS B 68 -2.16 -0.54 22.79
CA LYS B 68 -1.29 0.62 22.62
C LYS B 68 0.00 0.23 21.92
N ASN B 69 0.56 -0.92 22.30
CA ASN B 69 1.81 -1.39 21.69
C ASN B 69 1.66 -1.73 20.22
N GLU B 70 0.62 -2.48 19.87
CA GLU B 70 0.39 -2.83 18.47
C GLU B 70 0.11 -1.59 17.63
N VAL B 71 -0.65 -0.66 18.19
CA VAL B 71 -0.95 0.59 17.50
C VAL B 71 0.30 1.45 17.33
N GLY B 72 1.12 1.50 18.38
CA GLY B 72 2.36 2.25 18.35
C GLY B 72 3.33 1.78 17.28
N VAL B 73 3.40 0.46 17.10
CA VAL B 73 4.31 -0.11 16.11
C VAL B 73 3.74 -0.03 14.68
N LEU B 74 2.44 -0.20 14.55
CA LEU B 74 1.77 -0.06 13.26
C LEU B 74 1.87 1.37 12.75
N ARG B 75 1.76 2.32 13.68
CA ARG B 75 1.80 3.74 13.38
C ARG B 75 3.11 4.14 12.70
N LYS B 76 4.14 3.32 12.90
CA LYS B 76 5.47 3.65 12.38
C LYS B 76 5.80 2.92 11.09
N THR B 77 4.81 2.29 10.48
CA THR B 77 5.04 1.54 9.25
C THR B 77 4.38 2.17 8.03
N ARG B 78 5.19 2.48 7.02
CA ARG B 78 4.71 2.93 5.73
C ARG B 78 5.52 2.26 4.63
N HIS B 79 5.06 1.10 4.18
CA HIS B 79 5.77 0.29 3.22
C HIS B 79 4.78 -0.61 2.52
N VAL B 80 4.99 -0.83 1.23
CA VAL B 80 4.02 -1.55 0.40
C VAL B 80 3.93 -3.05 0.78
N ASN B 81 4.99 -3.57 1.39
CA ASN B 81 4.99 -4.99 1.78
C ASN B 81 4.62 -5.20 3.25
N ILE B 82 4.19 -4.13 3.91
CA ILE B 82 3.64 -4.24 5.25
C ILE B 82 2.14 -3.91 5.19
N LEU B 83 1.33 -4.69 5.91
CA LEU B 83 -0.10 -4.45 5.99
C LEU B 83 -0.38 -3.00 6.38
N LEU B 84 -1.15 -2.31 5.55
CA LEU B 84 -1.39 -0.89 5.75
C LEU B 84 -2.32 -0.60 6.93
N PHE B 85 -1.74 -0.07 8.00
CA PHE B 85 -2.49 0.40 9.15
C PHE B 85 -3.23 1.68 8.77
N MET B 86 -4.50 1.78 9.16
CA MET B 86 -5.31 2.93 8.77
C MET B 86 -5.88 3.70 9.95
N GLY B 87 -5.93 3.06 11.12
CA GLY B 87 -6.45 3.71 12.32
C GLY B 87 -6.89 2.79 13.43
N TYR B 88 -7.35 3.37 14.53
CA TYR B 88 -7.82 2.59 15.67
C TYR B 88 -9.11 3.15 16.25
N SER B 89 -9.80 2.32 17.04
CA SER B 89 -10.97 2.73 17.79
C SER B 89 -10.80 2.33 19.26
N THR B 90 -11.29 3.15 20.17
CA THR B 90 -11.08 2.93 21.59
C THR B 90 -12.36 2.88 22.42
N LYS B 91 -13.22 3.88 22.24
CA LYS B 91 -14.38 4.09 23.12
C LYS B 91 -15.28 2.87 23.38
N PRO B 92 -15.81 2.23 22.31
CA PRO B 92 -16.72 1.13 22.60
C PRO B 92 -15.98 -0.18 22.88
N GLN B 93 -14.98 -0.45 22.06
CA GLN B 93 -14.19 -1.66 22.09
C GLN B 93 -12.82 -1.24 21.59
N LEU B 94 -11.82 -2.08 21.82
CA LEU B 94 -10.53 -1.84 21.22
C LEU B 94 -10.55 -2.39 19.79
N ALA B 95 -10.12 -1.58 18.84
CA ALA B 95 -10.18 -1.95 17.44
C ALA B 95 -9.01 -1.42 16.62
N ILE B 96 -8.49 -2.25 15.73
CA ILE B 96 -7.40 -1.87 14.85
C ILE B 96 -7.85 -2.01 13.40
N VAL B 97 -7.88 -0.88 12.70
CA VAL B 97 -8.33 -0.85 11.31
C VAL B 97 -7.16 -0.88 10.35
N THR B 98 -7.22 -1.77 9.37
CA THR B 98 -6.19 -1.84 8.33
C THR B 98 -6.85 -1.93 6.97
N GLN B 99 -6.03 -1.94 5.92
CA GLN B 99 -6.54 -2.12 4.57
C GLN B 99 -7.17 -3.50 4.42
N TRP B 100 -8.08 -3.64 3.45
CA TRP B 100 -8.64 -4.93 3.14
C TRP B 100 -7.82 -5.62 2.05
N CYS B 101 -7.32 -6.80 2.36
CA CYS B 101 -6.56 -7.57 1.39
C CYS B 101 -7.45 -8.63 0.75
N GLU B 102 -7.49 -8.63 -0.58
CA GLU B 102 -8.18 -9.68 -1.31
C GLU B 102 -7.18 -10.74 -1.72
N GLY B 103 -7.54 -12.00 -1.52
CA GLY B 103 -6.63 -13.11 -1.77
C GLY B 103 -6.41 -13.90 -0.50
N SER B 104 -5.49 -14.86 -0.55
CA SER B 104 -5.25 -15.73 0.59
C SER B 104 -3.85 -15.54 1.15
N SER B 105 -3.61 -16.09 2.34
CA SER B 105 -2.27 -16.08 2.93
C SER B 105 -1.36 -16.98 2.12
N LEU B 106 -0.05 -16.79 2.28
CA LEU B 106 0.94 -17.61 1.59
C LEU B 106 0.79 -19.06 2.02
N TYR B 107 0.40 -19.25 3.29
CA TYR B 107 0.15 -20.58 3.82
C TYR B 107 -0.86 -21.34 2.98
N HIS B 108 -1.99 -20.69 2.70
CA HIS B 108 -3.07 -21.30 1.94
C HIS B 108 -2.65 -21.66 0.52
N HIS B 109 -1.91 -20.77 -0.13
CA HIS B 109 -1.48 -20.99 -1.51
C HIS B 109 -0.50 -22.15 -1.63
N LEU B 110 0.43 -22.24 -0.67
CA LEU B 110 1.44 -23.29 -0.70
C LEU B 110 0.94 -24.62 -0.17
N HIS B 111 0.22 -24.58 0.94
CA HIS B 111 -0.10 -25.80 1.69
C HIS B 111 -1.53 -26.30 1.55
N ALA B 112 -2.47 -25.40 1.27
CA ALA B 112 -3.87 -25.77 1.22
C ALA B 112 -4.53 -25.44 -0.12
N SER B 113 -3.73 -25.37 -1.18
CA SER B 113 -4.25 -25.07 -2.50
C SER B 113 -3.56 -25.89 -3.59
N GLU B 114 -4.31 -26.20 -4.64
CA GLU B 114 -3.80 -27.00 -5.76
C GLU B 114 -2.76 -26.23 -6.55
N THR B 115 -3.01 -24.93 -6.73
CA THR B 115 -2.15 -24.10 -7.57
C THR B 115 -0.78 -23.85 -6.95
N LYS B 116 0.25 -24.26 -7.68
CA LYS B 116 1.63 -24.08 -7.25
C LYS B 116 2.29 -23.04 -8.15
N PHE B 117 3.28 -22.32 -7.61
CA PHE B 117 3.89 -21.21 -8.32
C PHE B 117 5.12 -21.59 -9.14
N GLU B 118 5.40 -20.81 -10.17
CA GLU B 118 6.64 -20.92 -10.92
C GLU B 118 7.75 -20.34 -10.06
N MET B 119 9.00 -20.71 -10.36
CA MET B 119 10.12 -20.31 -9.55
C MET B 119 10.31 -18.79 -9.49
N LYS B 120 10.15 -18.14 -10.63
CA LYS B 120 10.30 -16.68 -10.73
C LYS B 120 9.44 -15.94 -9.72
N LYS B 121 8.22 -16.42 -9.54
CA LYS B 121 7.29 -15.82 -8.59
C LYS B 121 7.67 -16.15 -7.15
N LEU B 122 8.11 -17.38 -6.92
CA LEU B 122 8.57 -17.79 -5.60
C LEU B 122 9.73 -16.92 -5.13
N ILE B 123 10.66 -16.67 -6.04
CA ILE B 123 11.76 -15.73 -5.79
C ILE B 123 11.21 -14.34 -5.49
N ASP B 124 10.22 -13.93 -6.27
CA ASP B 124 9.60 -12.61 -6.09
C ASP B 124 8.91 -12.50 -4.73
N ILE B 125 8.17 -13.55 -4.36
CA ILE B 125 7.52 -13.59 -3.07
C ILE B 125 8.54 -13.49 -1.95
N ALA B 126 9.68 -14.14 -2.14
CA ALA B 126 10.78 -14.07 -1.17
C ALA B 126 11.36 -12.66 -1.08
N ARG B 127 11.56 -12.03 -2.24
CA ARG B 127 12.11 -10.68 -2.30
C ARG B 127 11.21 -9.67 -1.60
N GLN B 128 9.92 -9.73 -1.89
CA GLN B 128 8.96 -8.80 -1.29
C GLN B 128 8.89 -8.96 0.22
N THR B 129 8.96 -10.20 0.70
CA THR B 129 8.94 -10.46 2.13
C THR B 129 10.18 -9.88 2.80
N ALA B 130 11.32 -10.07 2.13
CA ALA B 130 12.60 -9.56 2.65
C ALA B 130 12.64 -8.05 2.71
N ARG B 131 12.05 -7.39 1.71
CA ARG B 131 11.97 -5.93 1.70
C ARG B 131 11.16 -5.45 2.89
N GLY B 132 10.03 -6.09 3.13
CA GLY B 132 9.20 -5.77 4.26
C GLY B 132 9.92 -6.01 5.58
N MET B 133 10.52 -7.18 5.72
CA MET B 133 11.29 -7.50 6.93
C MET B 133 12.49 -6.56 7.10
N ASP B 134 13.17 -6.25 6.00
CA ASP B 134 14.29 -5.32 6.03
C ASP B 134 13.82 -3.96 6.51
N TYR B 135 12.64 -3.56 6.05
CA TYR B 135 12.07 -2.28 6.44
C TYR B 135 11.80 -2.25 7.93
N LEU B 136 11.15 -3.30 8.44
CA LEU B 136 10.82 -3.39 9.86
C LEU B 136 12.07 -3.33 10.74
N HIS B 137 13.08 -4.13 10.39
CA HIS B 137 14.34 -4.14 11.16
C HIS B 137 15.05 -2.79 11.13
N ALA B 138 14.90 -2.06 10.03
CA ALA B 138 15.49 -0.73 9.92
C ALA B 138 14.84 0.23 10.92
N LYS B 139 13.60 -0.07 11.30
CA LYS B 139 12.87 0.75 12.25
C LYS B 139 12.96 0.15 13.66
N SER B 140 13.87 -0.78 13.85
CA SER B 140 14.07 -1.47 15.14
C SER B 140 12.81 -2.22 15.58
N ILE B 141 12.12 -2.82 14.63
CA ILE B 141 10.91 -3.58 14.91
C ILE B 141 11.14 -5.06 14.66
N ILE B 142 10.85 -5.88 15.66
CA ILE B 142 10.89 -7.33 15.51
C ILE B 142 9.47 -7.85 15.39
N HIS B 143 9.22 -8.65 14.36
CA HIS B 143 7.89 -9.21 14.13
C HIS B 143 7.56 -10.28 15.18
N ARG B 144 8.50 -11.20 15.39
CA ARG B 144 8.40 -12.24 16.42
C ARG B 144 7.35 -13.31 16.13
N ASP B 145 6.69 -13.21 14.98
CA ASP B 145 5.72 -14.23 14.59
C ASP B 145 5.62 -14.32 13.07
N LEU B 146 6.76 -14.18 12.40
CA LEU B 146 6.80 -14.32 10.95
C LEU B 146 6.55 -15.78 10.57
N LYS B 147 5.51 -15.99 9.77
CA LYS B 147 5.23 -17.31 9.22
C LYS B 147 4.42 -17.14 7.95
N SER B 148 4.27 -18.22 7.18
CA SER B 148 3.56 -18.16 5.91
C SER B 148 2.11 -17.75 6.05
N ASN B 149 1.57 -17.95 7.26
CA ASN B 149 0.19 -17.62 7.54
C ASN B 149 0.00 -16.13 7.76
N ASN B 150 1.06 -15.45 8.18
CA ASN B 150 1.03 -14.00 8.39
C ASN B 150 1.49 -13.23 7.17
N ILE B 151 1.63 -13.94 6.05
CA ILE B 151 2.03 -13.31 4.81
C ILE B 151 0.88 -13.39 3.80
N PHE B 152 0.24 -12.25 3.58
CA PHE B 152 -0.95 -12.17 2.73
C PHE B 152 -0.59 -11.85 1.29
N LEU B 153 -0.98 -12.72 0.37
CA LEU B 153 -0.76 -12.46 -1.05
C LEU B 153 -1.88 -11.61 -1.64
N HIS B 154 -1.85 -10.31 -1.32
CA HIS B 154 -2.83 -9.34 -1.80
C HIS B 154 -2.92 -9.37 -3.32
N GLU B 155 -4.10 -9.73 -3.82
CA GLU B 155 -4.34 -9.89 -5.26
C GLU B 155 -3.40 -10.92 -5.90
N ASP B 156 -2.84 -11.79 -5.05
CA ASP B 156 -2.03 -12.93 -5.46
C ASP B 156 -0.68 -12.57 -6.09
N ASN B 157 -0.26 -11.31 -5.94
CA ASN B 157 1.04 -10.88 -6.45
C ASN B 157 1.86 -10.09 -5.42
N THR B 158 1.18 -9.18 -4.72
CA THR B 158 1.85 -8.28 -3.79
C THR B 158 1.84 -8.79 -2.36
N VAL B 159 3.04 -9.08 -1.84
CA VAL B 159 3.19 -9.60 -0.49
C VAL B 159 2.86 -8.54 0.56
N LYS B 160 2.07 -8.92 1.56
CA LYS B 160 1.75 -8.05 2.69
C LYS B 160 2.02 -8.78 4.01
N ILE B 161 3.05 -8.36 4.73
CA ILE B 161 3.35 -8.91 6.05
C ILE B 161 2.41 -8.29 7.08
N GLY B 162 1.70 -9.14 7.82
CA GLY B 162 0.69 -8.68 8.75
C GLY B 162 0.56 -9.51 10.02
N ASP B 163 -0.66 -9.55 10.56
CA ASP B 163 -0.93 -10.18 11.87
C ASP B 163 0.08 -9.75 12.94
N PHE B 164 0.05 -8.46 13.27
CA PHE B 164 1.09 -7.84 14.07
C PHE B 164 0.89 -7.97 15.58
N GLY B 165 0.22 -9.05 16.01
CA GLY B 165 -0.11 -9.22 17.42
C GLY B 165 1.02 -9.18 18.42
N LEU B 166 2.23 -9.55 17.99
CA LEU B 166 3.35 -9.74 18.91
C LEU B 166 4.58 -8.87 18.64
N ALA B 167 4.49 -7.99 17.65
CA ALA B 167 5.64 -7.14 17.28
C ALA B 167 6.09 -6.21 18.40
N THR B 168 7.38 -5.87 18.42
CA THR B 168 7.94 -5.01 19.46
C THR B 168 8.70 -3.82 18.87
N GLU B 169 9.35 -3.06 19.75
CA GLU B 169 10.08 -1.86 19.35
C GLU B 169 10.96 -1.36 20.50
N SER B 185 2.68 -21.99 15.59
CA SER B 185 3.80 -21.15 15.18
C SER B 185 5.13 -21.86 15.42
N ILE B 186 5.04 -23.07 15.97
CA ILE B 186 6.21 -23.84 16.41
C ILE B 186 7.25 -24.08 15.31
N LEU B 187 6.79 -24.33 14.09
CA LEU B 187 7.69 -24.67 12.98
C LEU B 187 8.57 -23.51 12.55
N TRP B 188 8.20 -22.29 12.92
CA TRP B 188 8.94 -21.10 12.52
C TRP B 188 9.81 -20.56 13.65
N MET B 189 10.06 -21.39 14.66
CA MET B 189 10.80 -20.95 15.84
C MET B 189 12.27 -21.37 15.83
N ALA B 190 13.15 -20.38 15.99
CA ALA B 190 14.57 -20.64 16.16
C ALA B 190 14.78 -21.44 17.45
N PRO B 191 15.84 -22.27 17.48
CA PRO B 191 16.16 -23.07 18.66
C PRO B 191 16.21 -22.25 19.95
N GLU B 192 16.73 -21.03 19.90
CA GLU B 192 16.83 -20.21 21.09
C GLU B 192 15.47 -19.64 21.52
N VAL B 193 14.47 -19.77 20.66
CA VAL B 193 13.10 -19.41 21.02
C VAL B 193 12.42 -20.63 21.63
N ILE B 194 12.83 -21.81 21.16
CA ILE B 194 12.38 -23.06 21.75
C ILE B 194 12.85 -23.17 23.19
N ARG B 195 14.16 -23.12 23.37
CA ARG B 195 14.78 -23.16 24.69
C ARG B 195 14.33 -21.96 25.52
N ASN B 200 15.83 -12.30 26.80
CA ASN B 200 14.76 -12.43 25.81
C ASN B 200 15.21 -13.26 24.61
N PRO B 201 14.47 -14.34 24.30
CA PRO B 201 14.79 -15.23 23.18
C PRO B 201 14.58 -14.59 21.80
N TYR B 202 13.62 -13.68 21.71
CA TYR B 202 13.27 -13.08 20.42
C TYR B 202 14.23 -11.94 20.04
N SER B 203 14.66 -11.94 18.79
CA SER B 203 15.53 -10.88 18.28
C SER B 203 15.39 -10.78 16.76
N PHE B 204 16.20 -9.91 16.17
CA PHE B 204 16.27 -9.80 14.71
C PHE B 204 16.65 -11.16 14.15
N GLN B 205 17.53 -11.85 14.87
CA GLN B 205 18.03 -13.16 14.47
C GLN B 205 16.91 -14.22 14.40
N SER B 206 15.95 -14.12 15.32
CA SER B 206 14.82 -15.03 15.35
C SER B 206 13.94 -14.79 14.13
N ASP B 207 13.67 -13.51 13.85
CA ASP B 207 12.92 -13.11 12.66
C ASP B 207 13.58 -13.66 11.40
N VAL B 208 14.91 -13.66 11.40
CA VAL B 208 15.68 -14.22 10.29
C VAL B 208 15.46 -15.73 10.16
N TYR B 209 15.46 -16.45 11.28
CA TYR B 209 15.21 -17.89 11.25
C TYR B 209 13.83 -18.21 10.68
N ALA B 210 12.83 -17.48 11.17
CA ALA B 210 11.46 -17.69 10.72
C ALA B 210 11.34 -17.42 9.22
N PHE B 211 12.05 -16.39 8.76
CA PHE B 211 12.12 -16.09 7.33
C PHE B 211 12.77 -17.23 6.58
N GLY B 212 13.75 -17.87 7.22
CA GLY B 212 14.39 -19.04 6.64
C GLY B 212 13.40 -20.17 6.42
N ILE B 213 12.52 -20.40 7.39
CA ILE B 213 11.49 -21.42 7.26
C ILE B 213 10.52 -21.07 6.13
N VAL B 214 10.14 -19.80 6.05
CA VAL B 214 9.26 -19.32 4.97
C VAL B 214 9.90 -19.61 3.62
N LEU B 215 11.21 -19.38 3.51
CA LEU B 215 11.95 -19.73 2.30
C LEU B 215 11.84 -21.21 2.01
N TYR B 216 12.00 -22.02 3.05
CA TYR B 216 11.91 -23.46 2.93
C TYR B 216 10.55 -23.86 2.39
N GLU B 217 9.51 -23.17 2.86
CA GLU B 217 8.17 -23.40 2.38
C GLU B 217 8.07 -23.11 0.89
N LEU B 218 8.60 -21.97 0.48
CA LEU B 218 8.58 -21.56 -0.92
C LEU B 218 9.33 -22.53 -1.82
N MET B 219 10.53 -22.92 -1.40
CA MET B 219 11.39 -23.75 -2.23
C MET B 219 11.07 -25.24 -2.19
N THR B 220 10.28 -25.67 -1.21
CA THR B 220 9.86 -27.07 -1.14
C THR B 220 8.37 -27.24 -1.43
N GLY B 221 7.58 -26.28 -0.98
CA GLY B 221 6.13 -26.39 -1.09
C GLY B 221 5.57 -27.11 0.11
N GLN B 222 6.45 -27.52 1.01
CA GLN B 222 6.04 -28.28 2.19
C GLN B 222 6.40 -27.57 3.49
N LEU B 223 5.85 -28.06 4.59
CA LEU B 223 6.22 -27.58 5.92
C LEU B 223 7.42 -28.39 6.40
N PRO B 224 8.23 -27.79 7.27
CA PRO B 224 9.41 -28.50 7.80
C PRO B 224 8.98 -29.70 8.63
N TYR B 225 9.81 -30.75 8.63
CA TYR B 225 9.60 -31.91 9.47
C TYR B 225 8.31 -32.64 9.12
N SER B 226 8.26 -33.17 7.91
CA SER B 226 7.11 -33.94 7.47
C SER B 226 7.03 -35.27 8.20
N ASN B 227 8.19 -35.77 8.63
CA ASN B 227 8.27 -37.01 9.39
C ASN B 227 7.60 -36.89 10.76
N ILE B 228 7.97 -35.84 11.49
CA ILE B 228 7.49 -35.65 12.85
C ILE B 228 6.03 -35.23 12.89
N ASN B 229 5.26 -35.88 13.75
CA ASN B 229 3.86 -35.52 13.97
C ASN B 229 3.63 -35.13 15.41
N ASN B 230 4.69 -35.22 16.21
CA ASN B 230 4.61 -34.91 17.63
C ASN B 230 5.20 -33.55 17.95
N ARG B 231 4.40 -32.68 18.55
CA ARG B 231 4.84 -31.33 18.92
C ARG B 231 6.08 -31.35 19.81
N ASP B 232 6.00 -32.13 20.89
CA ASP B 232 7.07 -32.16 21.89
C ASP B 232 8.35 -32.82 21.38
N GLN B 233 8.26 -33.52 20.26
CA GLN B 233 9.44 -34.14 19.65
C GLN B 233 10.24 -33.07 18.90
N ILE B 234 9.56 -32.31 18.05
CA ILE B 234 10.16 -31.20 17.32
C ILE B 234 10.81 -30.20 18.27
N ILE B 235 10.06 -29.83 19.30
CA ILE B 235 10.51 -28.89 20.31
C ILE B 235 11.85 -29.29 20.91
N GLU B 236 11.94 -30.53 21.38
CA GLU B 236 13.20 -31.00 21.96
C GLU B 236 14.30 -31.10 20.91
N MET B 237 13.96 -31.63 19.74
CA MET B 237 14.97 -31.89 18.71
C MET B 237 15.54 -30.62 18.05
N VAL B 238 14.68 -29.64 17.78
CA VAL B 238 15.14 -28.38 17.22
C VAL B 238 15.87 -27.58 18.28
N GLY B 239 15.36 -27.65 19.51
CA GLY B 239 15.97 -26.96 20.63
C GLY B 239 17.39 -27.44 20.89
N ARG B 240 17.59 -28.75 20.84
CA ARG B 240 18.91 -29.35 21.07
C ARG B 240 19.88 -29.00 19.94
N GLY B 241 19.35 -28.95 18.72
CA GLY B 241 20.18 -28.74 17.55
C GLY B 241 20.43 -30.05 16.82
N SER B 242 19.62 -31.05 17.15
CA SER B 242 19.73 -32.35 16.50
C SER B 242 18.84 -32.40 15.27
N LEU B 243 18.09 -31.32 15.05
CA LEU B 243 17.13 -31.28 13.96
C LEU B 243 17.21 -29.99 13.16
N SER B 244 16.96 -30.10 11.85
CA SER B 244 16.93 -28.95 10.95
C SER B 244 16.17 -29.34 9.68
N PRO B 245 15.61 -28.34 8.97
CA PRO B 245 14.86 -28.60 7.74
C PRO B 245 15.65 -29.39 6.70
N ASP B 246 14.97 -30.28 5.99
CA ASP B 246 15.61 -31.09 4.94
C ASP B 246 15.76 -30.29 3.66
N LEU B 247 16.93 -29.72 3.45
CA LEU B 247 17.19 -28.88 2.28
C LEU B 247 17.34 -29.72 1.00
N SER B 248 17.35 -31.04 1.16
CA SER B 248 17.38 -31.94 0.02
C SER B 248 16.04 -31.96 -0.71
N LYS B 249 15.00 -31.48 -0.01
CA LYS B 249 13.64 -31.51 -0.56
C LYS B 249 13.33 -30.34 -1.49
N VAL B 250 14.22 -29.34 -1.54
CA VAL B 250 14.01 -28.16 -2.38
C VAL B 250 13.94 -28.56 -3.86
N ARG B 251 13.22 -27.76 -4.64
CA ARG B 251 13.03 -28.07 -6.06
C ARG B 251 14.34 -28.06 -6.83
N SER B 252 14.37 -28.82 -7.93
CA SER B 252 15.54 -28.89 -8.79
C SER B 252 15.82 -27.54 -9.44
N ASN B 253 14.77 -26.75 -9.60
CA ASN B 253 14.86 -25.43 -10.21
C ASN B 253 15.50 -24.41 -9.29
N CYS B 254 15.37 -24.64 -7.98
CA CYS B 254 15.84 -23.71 -6.96
C CYS B 254 17.31 -23.34 -7.12
N PRO B 255 17.58 -22.04 -7.31
CA PRO B 255 18.95 -21.53 -7.50
C PRO B 255 19.81 -21.85 -6.29
N LYS B 256 21.04 -22.29 -6.53
CA LYS B 256 21.95 -22.64 -5.43
C LYS B 256 22.17 -21.45 -4.49
N ARG B 257 22.08 -20.24 -5.04
CA ARG B 257 22.21 -19.02 -4.24
C ARG B 257 21.12 -18.93 -3.17
N MET B 258 19.90 -19.30 -3.55
CA MET B 258 18.77 -19.27 -2.62
C MET B 258 18.90 -20.36 -1.57
N LYS B 259 19.31 -21.56 -2.01
CA LYS B 259 19.49 -22.69 -1.12
C LYS B 259 20.55 -22.39 -0.06
N ARG B 260 21.65 -21.78 -0.51
CA ARG B 260 22.73 -21.39 0.39
C ARG B 260 22.23 -20.38 1.42
N LEU B 261 21.56 -19.33 0.93
CA LEU B 261 21.01 -18.30 1.80
C LEU B 261 20.04 -18.90 2.82
N MET B 262 19.19 -19.80 2.35
CA MET B 262 18.23 -20.49 3.19
C MET B 262 18.95 -21.13 4.38
N ALA B 263 20.04 -21.84 4.08
CA ALA B 263 20.85 -22.49 5.11
C ALA B 263 21.40 -21.49 6.12
N GLU B 264 21.76 -20.30 5.64
CA GLU B 264 22.33 -19.27 6.49
C GLU B 264 21.31 -18.74 7.48
N CYS B 265 20.12 -18.43 6.99
CA CYS B 265 19.04 -17.93 7.85
C CYS B 265 18.60 -19.00 8.85
N LEU B 266 18.92 -20.25 8.57
CA LEU B 266 18.52 -21.36 9.42
C LEU B 266 19.63 -21.84 10.35
N LYS B 267 20.75 -21.13 10.37
CA LYS B 267 21.87 -21.47 11.24
C LYS B 267 21.43 -21.59 12.70
N LYS B 268 21.87 -22.66 13.36
CA LYS B 268 21.44 -22.96 14.72
C LYS B 268 21.98 -21.94 15.72
N LYS B 269 23.21 -21.48 15.50
CA LYS B 269 23.77 -20.40 16.31
C LYS B 269 23.24 -19.08 15.80
N ARG B 270 22.47 -18.37 16.63
CA ARG B 270 21.77 -17.16 16.22
C ARG B 270 22.66 -16.08 15.60
N ASP B 271 23.85 -15.89 16.15
CA ASP B 271 24.76 -14.86 15.65
C ASP B 271 25.43 -15.24 14.32
N GLU B 272 25.22 -16.47 13.87
CA GLU B 272 25.77 -16.92 12.59
C GLU B 272 24.81 -16.64 11.44
N ARG B 273 23.62 -16.16 11.78
CA ARG B 273 22.59 -15.88 10.79
C ARG B 273 22.75 -14.48 10.22
N PRO B 274 22.43 -14.30 8.93
CA PRO B 274 22.63 -13.00 8.27
C PRO B 274 21.64 -11.95 8.73
N SER B 275 21.88 -10.71 8.34
CA SER B 275 20.93 -9.64 8.57
C SER B 275 20.14 -9.43 7.28
N PHE B 276 18.95 -8.85 7.42
CA PHE B 276 18.10 -8.62 6.25
C PHE B 276 18.68 -7.73 5.15
N PRO B 277 19.55 -6.75 5.50
CA PRO B 277 20.21 -6.04 4.40
C PRO B 277 20.99 -6.99 3.50
N ARG B 278 21.73 -7.93 4.08
CA ARG B 278 22.45 -8.90 3.27
C ARG B 278 21.48 -9.87 2.61
N ILE B 279 20.47 -10.30 3.37
CA ILE B 279 19.46 -11.21 2.84
C ILE B 279 18.78 -10.60 1.62
N LEU B 280 18.34 -9.36 1.73
CA LEU B 280 17.70 -8.67 0.62
C LEU B 280 18.65 -8.49 -0.57
N ALA B 281 19.89 -8.08 -0.28
CA ALA B 281 20.89 -7.92 -1.31
C ALA B 281 21.05 -9.20 -2.11
N GLU B 282 21.27 -10.31 -1.40
CA GLU B 282 21.44 -11.62 -2.03
C GLU B 282 20.25 -12.03 -2.90
N ILE B 283 19.04 -11.96 -2.34
CA ILE B 283 17.83 -12.29 -3.08
C ILE B 283 17.69 -11.39 -4.31
N GLU B 284 18.08 -10.13 -4.14
CA GLU B 284 18.06 -9.17 -5.23
C GLU B 284 19.10 -9.51 -6.28
N GLU B 285 20.26 -9.99 -5.83
CA GLU B 285 21.34 -10.39 -6.74
C GLU B 285 20.90 -11.49 -7.68
N LEU B 286 20.42 -12.60 -7.11
CA LEU B 286 20.08 -13.79 -7.89
C LEU B 286 18.81 -13.62 -8.71
N ALA B 287 17.93 -12.72 -8.27
CA ALA B 287 16.71 -12.43 -9.02
C ALA B 287 17.05 -11.85 -10.38
N ARG B 288 18.05 -10.98 -10.40
CA ARG B 288 18.56 -10.42 -11.65
C ARG B 288 19.38 -11.46 -12.40
N GLU B 289 20.10 -12.28 -11.63
CA GLU B 289 21.01 -13.28 -12.17
C GLU B 289 20.29 -14.25 -13.12
N LEU B 290 19.04 -14.54 -12.83
CA LEU B 290 18.24 -15.43 -13.68
C LEU B 290 16.87 -14.84 -13.98
#